data_2C2A
#
_entry.id   2C2A
#
_cell.length_a   79.292
_cell.length_b   162.082
_cell.length_c   42.525
_cell.angle_alpha   90.00
_cell.angle_beta   90.00
_cell.angle_gamma   90.00
#
_symmetry.space_group_name_H-M   'C 2 2 21'
#
loop_
_entity.id
_entity.type
_entity.pdbx_description
1 polymer 'SENSOR HISTIDINE KINASE'
2 non-polymer "ADENOSINE-5'-DIPHOSPHATE"
3 non-polymer 'SULFATE ION'
4 water water
#
_entity_poly.entity_id   1
_entity_poly.type   'polypeptide(L)'
_entity_poly.pdbx_seq_one_letter_code
;MENVTESKELERLKRIDRMKTEFIANISHELRTPLTAIKAYAETIYNSLGELDLSTLKEFLEVIIDQSNHLENLLNELLD
FSRLERKSLQINREKVDLCDLVESAVNAIKEFASSHNVNVLFESNVPCPVEAYIDPTRIRQVLLNLLNNGVKYSKKDAPD
KYVKVILDEKDGGVLIIVEDNGIGIPDHAKDRIFEQFYRVDSSLTYEVPGTGLGLAITKEIVELHGGRIWVESEVGKGSR
FFVWIPKDRAGEDNRQDN
;
_entity_poly.pdbx_strand_id   A
#
loop_
_chem_comp.id
_chem_comp.type
_chem_comp.name
_chem_comp.formula
ADP non-polymer ADENOSINE-5'-DIPHOSPHATE 'C10 H15 N5 O10 P2'
SO4 non-polymer 'SULFATE ION' 'O4 S -2'
#
# COMPACT_ATOMS: atom_id res chain seq x y z
N MET A 1 16.93 -16.65 37.78
CA MET A 1 16.68 -17.31 36.48
C MET A 1 15.95 -16.35 35.57
N GLU A 2 15.02 -16.87 34.78
CA GLU A 2 14.29 -16.01 33.88
C GLU A 2 13.46 -16.78 32.86
N ASN A 3 12.58 -16.05 32.18
CA ASN A 3 11.75 -16.62 31.16
C ASN A 3 12.31 -16.08 29.85
N VAL A 4 12.94 -16.96 29.08
CA VAL A 4 13.55 -16.59 27.80
C VAL A 4 12.56 -16.06 26.77
N THR A 5 11.38 -16.64 26.70
CA THR A 5 10.38 -16.18 25.74
C THR A 5 10.04 -14.73 26.13
N GLU A 6 9.84 -14.51 27.43
CA GLU A 6 9.52 -13.20 27.95
C GLU A 6 10.59 -12.15 27.61
N SER A 7 11.85 -12.53 27.79
CA SER A 7 12.95 -11.61 27.48
C SER A 7 12.99 -11.29 25.99
N LYS A 8 12.77 -12.29 25.16
CA LYS A 8 12.78 -12.10 23.72
C LYS A 8 11.64 -11.17 23.34
N GLU A 9 10.48 -11.37 23.97
CA GLU A 9 9.33 -10.52 23.69
C GLU A 9 9.66 -9.07 24.08
N LEU A 10 10.15 -8.88 25.31
CA LEU A 10 10.50 -7.54 25.78
C LEU A 10 11.42 -6.88 24.79
N GLU A 11 12.48 -7.57 24.41
CA GLU A 11 13.43 -7.00 23.46
C GLU A 11 12.77 -6.75 22.10
N ARG A 12 11.87 -7.64 21.71
CA ARG A 12 11.16 -7.53 20.44
C ARG A 12 10.28 -6.27 20.47
N LEU A 13 9.59 -6.07 21.59
CA LEU A 13 8.70 -4.92 21.78
C LEU A 13 9.46 -3.58 21.78
N LYS A 14 10.64 -3.57 22.40
CA LYS A 14 11.41 -2.34 22.44
C LYS A 14 11.95 -1.97 21.06
N ARG A 15 12.30 -2.96 20.24
CA ARG A 15 12.84 -2.66 18.93
C ARG A 15 11.72 -2.21 17.98
N ILE A 16 10.54 -2.81 18.16
CA ILE A 16 9.38 -2.44 17.36
C ILE A 16 9.03 -1.00 17.74
N ASP A 17 9.02 -0.71 19.05
CA ASP A 17 8.70 0.63 19.52
C ASP A 17 9.67 1.68 18.98
N ARG A 18 10.94 1.32 18.77
CA ARG A 18 11.88 2.26 18.21
C ARG A 18 11.45 2.56 16.77
N MET A 19 11.04 1.52 16.07
CA MET A 19 10.60 1.70 14.69
C MET A 19 9.31 2.50 14.61
N LYS A 20 8.36 2.26 15.52
CA LYS A 20 7.12 3.04 15.49
C LYS A 20 7.45 4.50 15.78
N THR A 21 8.38 4.70 16.69
CA THR A 21 8.84 6.03 17.06
C THR A 21 9.45 6.75 15.86
N GLU A 22 10.27 6.05 15.09
CA GLU A 22 10.87 6.68 13.92
C GLU A 22 9.81 6.94 12.86
N PHE A 23 8.81 6.07 12.78
CA PHE A 23 7.74 6.27 11.79
C PHE A 23 6.97 7.55 12.15
N ILE A 24 6.57 7.67 13.41
CA ILE A 24 5.83 8.83 13.87
C ILE A 24 6.65 10.12 13.70
N ALA A 25 7.95 10.01 13.96
CA ALA A 25 8.84 11.16 13.85
C ALA A 25 8.92 11.62 12.39
N ASN A 26 9.04 10.66 11.47
CA ASN A 26 9.14 11.00 10.06
C ASN A 26 7.85 11.59 9.50
N ILE A 27 6.71 11.00 9.84
CA ILE A 27 5.46 11.55 9.31
C ILE A 27 5.18 12.93 9.90
N SER A 28 5.60 13.15 11.16
CA SER A 28 5.43 14.47 11.77
C SER A 28 6.12 15.54 10.97
N HIS A 29 7.33 15.22 10.54
CA HIS A 29 8.13 16.15 9.75
C HIS A 29 7.58 16.38 8.37
N GLU A 30 7.14 15.30 7.71
CA GLU A 30 6.61 15.44 6.37
C GLU A 30 5.32 16.28 6.35
N LEU A 31 4.53 16.20 7.42
CA LEU A 31 3.30 16.96 7.51
C LEU A 31 3.55 18.48 7.55
N ARG A 32 4.80 18.85 7.89
CA ARG A 32 5.22 20.24 7.97
C ARG A 32 5.32 21.03 6.68
N THR A 33 5.88 20.41 5.66
CA THR A 33 6.04 21.07 4.37
C THR A 33 4.70 21.62 3.86
N PRO A 34 3.67 20.76 3.76
CA PRO A 34 2.35 21.19 3.30
C PRO A 34 1.72 22.27 4.16
N LEU A 35 1.68 22.05 5.47
CA LEU A 35 1.08 23.01 6.36
C LEU A 35 1.78 24.37 6.24
N THR A 36 3.00 24.33 5.67
CA THR A 36 3.81 25.51 5.46
C THR A 36 3.39 26.21 4.17
N ALA A 37 3.36 25.45 3.10
CA ALA A 37 2.97 25.96 1.81
C ALA A 37 1.53 26.47 1.89
N ILE A 38 0.69 25.79 2.66
CA ILE A 38 -0.71 26.18 2.82
C ILE A 38 -0.83 27.54 3.45
N LYS A 39 -0.23 27.69 4.62
CA LYS A 39 -0.27 28.94 5.35
C LYS A 39 0.30 30.09 4.51
N ALA A 40 1.53 29.88 4.02
CA ALA A 40 2.24 30.84 3.20
C ALA A 40 1.40 31.48 2.11
N TYR A 41 0.81 30.65 1.27
CA TYR A 41 0.00 31.17 0.19
C TYR A 41 -1.30 31.73 0.74
N ALA A 42 -1.33 31.95 2.06
CA ALA A 42 -2.53 32.47 2.73
C ALA A 42 -2.36 33.66 3.68
N GLU A 43 -1.57 33.55 4.74
CA GLU A 43 -1.39 34.67 5.66
C GLU A 43 -0.77 35.85 4.92
N THR A 44 0.00 35.54 3.88
CA THR A 44 0.63 36.56 3.07
C THR A 44 -0.51 37.28 2.36
N ILE A 45 -1.32 36.48 1.65
CA ILE A 45 -2.47 36.96 0.88
C ILE A 45 -3.38 37.91 1.67
N TYR A 46 -3.89 37.41 2.80
CA TYR A 46 -4.78 38.21 3.66
C TYR A 46 -4.21 39.56 4.00
N ASN A 47 -2.92 39.60 4.30
CA ASN A 47 -2.28 40.86 4.68
C ASN A 47 -2.06 41.85 3.53
N SER A 48 -1.96 41.34 2.31
CA SER A 48 -1.76 42.20 1.13
C SER A 48 -3.11 42.33 0.45
N LEU A 49 -4.17 42.02 1.19
CA LEU A 49 -5.52 42.06 0.67
C LEU A 49 -5.86 43.30 -0.17
N GLY A 50 -5.63 44.47 0.37
CA GLY A 50 -5.92 45.71 -0.33
C GLY A 50 -5.08 45.99 -1.57
N GLU A 51 -4.12 45.13 -1.90
CA GLU A 51 -3.30 45.39 -3.07
C GLU A 51 -3.18 44.20 -4.02
N LEU A 52 -4.19 43.32 -4.06
CA LEU A 52 -4.04 42.16 -4.93
C LEU A 52 -4.99 41.93 -6.09
N ASP A 53 -4.36 41.67 -7.23
CA ASP A 53 -5.00 41.36 -8.49
C ASP A 53 -5.43 39.91 -8.36
N LEU A 54 -6.45 39.49 -9.07
CA LEU A 54 -6.85 38.10 -8.93
C LEU A 54 -6.41 37.22 -10.09
N SER A 55 -5.10 37.02 -10.08
CA SER A 55 -4.33 36.21 -10.98
C SER A 55 -3.45 35.53 -9.93
N THR A 56 -3.15 36.33 -8.92
CA THR A 56 -2.42 35.86 -7.76
C THR A 56 -3.57 35.18 -7.00
N LEU A 57 -4.21 34.22 -7.67
CA LEU A 57 -5.32 33.47 -7.08
C LEU A 57 -5.59 32.08 -7.69
N LYS A 58 -5.99 31.98 -8.97
CA LYS A 58 -6.27 30.66 -9.56
C LYS A 58 -5.07 29.70 -9.54
N GLU A 59 -3.88 30.20 -9.82
CA GLU A 59 -2.69 29.35 -9.79
C GLU A 59 -2.36 29.05 -8.33
N PHE A 60 -2.40 30.09 -7.50
N PHE A 60 -2.38 30.08 -7.49
CA PHE A 60 -2.12 29.99 -6.08
CA PHE A 60 -2.08 29.92 -6.08
C PHE A 60 -3.09 29.04 -5.37
C PHE A 60 -3.09 28.98 -5.41
N LEU A 61 -4.38 29.17 -5.69
CA LEU A 61 -5.39 28.32 -5.10
C LEU A 61 -5.03 26.86 -5.41
N GLU A 62 -4.54 26.63 -6.62
N GLU A 62 -4.54 26.63 -6.62
CA GLU A 62 -4.15 25.28 -7.03
CA GLU A 62 -4.15 25.29 -7.05
C GLU A 62 -3.06 24.75 -6.10
C GLU A 62 -3.02 24.75 -6.17
N VAL A 63 -2.22 25.66 -5.62
CA VAL A 63 -1.12 25.28 -4.74
C VAL A 63 -1.66 24.75 -3.41
N ILE A 64 -2.55 25.52 -2.77
CA ILE A 64 -3.15 25.12 -1.51
C ILE A 64 -3.85 23.77 -1.65
N ILE A 65 -4.46 23.55 -2.79
CA ILE A 65 -5.17 22.30 -3.06
C ILE A 65 -4.22 21.14 -3.28
N ASP A 66 -3.15 21.37 -4.03
CA ASP A 66 -2.19 20.29 -4.26
C ASP A 66 -1.55 19.96 -2.91
N GLN A 67 -1.18 20.99 -2.17
CA GLN A 67 -0.56 20.81 -0.87
C GLN A 67 -1.50 20.13 0.10
N SER A 68 -2.74 20.59 0.14
CA SER A 68 -3.74 19.99 0.98
C SER A 68 -3.96 18.51 0.70
N ASN A 69 -3.91 18.17 -0.58
CA ASN A 69 -4.09 16.79 -1.01
C ASN A 69 -2.89 15.99 -0.54
N HIS A 70 -1.76 16.67 -0.41
CA HIS A 70 -0.55 16.00 0.03
C HIS A 70 -0.61 15.78 1.55
N LEU A 71 -1.11 16.78 2.26
CA LEU A 71 -1.23 16.67 3.71
C LEU A 71 -2.27 15.60 4.00
N GLU A 72 -3.34 15.58 3.19
CA GLU A 72 -4.39 14.57 3.36
C GLU A 72 -3.86 13.16 3.20
N ASN A 73 -3.01 12.93 2.21
CA ASN A 73 -2.46 11.60 2.03
C ASN A 73 -1.61 11.22 3.23
N LEU A 74 -0.85 12.18 3.75
CA LEU A 74 -0.01 11.93 4.91
C LEU A 74 -0.86 11.63 6.15
N LEU A 75 -1.89 12.43 6.41
CA LEU A 75 -2.73 12.19 7.57
C LEU A 75 -3.35 10.80 7.43
N ASN A 76 -3.58 10.36 6.19
CA ASN A 76 -4.18 9.03 5.97
C ASN A 76 -3.19 7.92 6.30
N GLU A 77 -1.91 8.16 6.06
CA GLU A 77 -0.91 7.16 6.36
C GLU A 77 -0.83 7.04 7.90
N LEU A 78 -0.84 8.18 8.58
CA LEU A 78 -0.79 8.20 10.04
C LEU A 78 -2.03 7.53 10.59
N LEU A 79 -3.19 7.91 10.05
CA LEU A 79 -4.43 7.30 10.53
C LEU A 79 -4.45 5.78 10.24
N ASP A 80 -3.96 5.37 9.07
CA ASP A 80 -3.90 3.93 8.72
C ASP A 80 -3.00 3.22 9.75
N PHE A 81 -1.89 3.87 10.06
CA PHE A 81 -0.92 3.33 11.02
C PHE A 81 -1.57 3.12 12.39
N SER A 82 -2.31 4.14 12.83
CA SER A 82 -3.00 4.13 14.11
C SER A 82 -4.09 3.06 14.14
N ARG A 83 -4.87 2.99 13.06
CA ARG A 83 -5.93 2.01 12.96
C ARG A 83 -5.41 0.59 12.92
N LEU A 84 -4.26 0.39 12.27
CA LEU A 84 -3.66 -0.93 12.20
C LEU A 84 -3.20 -1.33 13.63
N GLU A 85 -2.67 -0.35 14.36
CA GLU A 85 -2.20 -0.56 15.75
C GLU A 85 -3.34 -1.05 16.65
N ARG A 86 -4.50 -0.41 16.50
CA ARG A 86 -5.68 -0.69 17.30
C ARG A 86 -6.62 -1.74 16.71
N LYS A 87 -6.28 -2.25 15.53
CA LYS A 87 -7.14 -3.22 14.86
C LYS A 87 -8.53 -2.62 14.73
N SER A 88 -8.58 -1.34 14.36
CA SER A 88 -9.85 -0.69 14.23
C SER A 88 -10.14 -0.28 12.79
N LEU A 89 -9.29 -0.70 11.88
CA LEU A 89 -9.47 -0.39 10.46
C LEU A 89 -10.77 -1.05 10.00
N GLN A 90 -11.56 -0.31 9.23
CA GLN A 90 -12.83 -0.84 8.74
C GLN A 90 -12.83 -0.85 7.20
N ILE A 91 -13.75 -1.61 6.63
CA ILE A 91 -13.88 -1.64 5.18
C ILE A 91 -15.35 -1.36 4.87
N ASN A 92 -15.61 -0.75 3.72
CA ASN A 92 -16.97 -0.45 3.30
C ASN A 92 -17.16 -1.11 1.94
N ARG A 93 -17.78 -2.28 1.96
CA ARG A 93 -17.98 -3.07 0.75
C ARG A 93 -19.15 -2.65 -0.15
N GLU A 94 -18.99 -2.92 -1.43
CA GLU A 94 -19.98 -2.63 -2.46
C GLU A 94 -19.70 -3.54 -3.65
N LYS A 95 -20.63 -3.58 -4.61
CA LYS A 95 -20.42 -4.43 -5.78
C LYS A 95 -19.33 -3.80 -6.64
N VAL A 96 -18.26 -4.54 -6.85
CA VAL A 96 -17.15 -4.05 -7.64
C VAL A 96 -16.73 -5.05 -8.69
N ASP A 97 -16.35 -4.55 -9.86
CA ASP A 97 -15.86 -5.40 -10.92
C ASP A 97 -14.36 -5.48 -10.69
N LEU A 98 -13.87 -6.64 -10.25
CA LEU A 98 -12.44 -6.77 -10.00
C LEU A 98 -11.57 -6.59 -11.25
N CYS A 99 -12.12 -6.83 -12.45
CA CYS A 99 -11.32 -6.66 -13.66
C CYS A 99 -10.90 -5.22 -13.85
N ASP A 100 -11.85 -4.31 -13.72
CA ASP A 100 -11.59 -2.88 -13.85
C ASP A 100 -10.65 -2.42 -12.72
N LEU A 101 -10.90 -2.93 -11.52
CA LEU A 101 -10.07 -2.55 -10.37
C LEU A 101 -8.62 -2.91 -10.66
N VAL A 102 -8.39 -4.10 -11.19
CA VAL A 102 -7.03 -4.54 -11.49
C VAL A 102 -6.39 -3.74 -12.62
N GLU A 103 -7.16 -3.51 -13.70
CA GLU A 103 -6.59 -2.77 -14.82
C GLU A 103 -6.19 -1.38 -14.38
N SER A 104 -7.02 -0.76 -13.54
CA SER A 104 -6.74 0.58 -13.04
C SER A 104 -5.44 0.55 -12.21
N ALA A 105 -5.34 -0.42 -11.31
CA ALA A 105 -4.15 -0.55 -10.48
C ALA A 105 -2.93 -0.72 -11.35
N VAL A 106 -2.99 -1.65 -12.31
CA VAL A 106 -1.87 -1.89 -13.21
C VAL A 106 -1.50 -0.56 -13.88
N ASN A 107 -2.51 0.20 -14.27
CA ASN A 107 -2.26 1.50 -14.91
C ASN A 107 -1.44 2.42 -14.01
N ALA A 108 -1.85 2.54 -12.77
CA ALA A 108 -1.17 3.43 -11.81
C ALA A 108 0.29 3.03 -11.50
N ILE A 109 0.62 1.76 -11.68
CA ILE A 109 1.97 1.29 -11.39
C ILE A 109 2.87 1.23 -12.62
N LYS A 110 2.29 1.46 -13.80
CA LYS A 110 3.04 1.41 -15.05
C LYS A 110 4.31 2.24 -15.14
N GLU A 111 4.28 3.48 -14.65
CA GLU A 111 5.47 4.33 -14.73
C GLU A 111 6.60 3.75 -13.90
N PHE A 112 6.32 3.45 -12.63
CA PHE A 112 7.33 2.89 -11.75
C PHE A 112 7.88 1.58 -12.30
N ALA A 113 6.99 0.73 -12.83
CA ALA A 113 7.41 -0.55 -13.39
C ALA A 113 8.39 -0.34 -14.54
N SER A 114 8.03 0.52 -15.47
CA SER A 114 8.89 0.83 -16.61
C SER A 114 10.26 1.29 -16.11
N SER A 115 10.24 2.14 -15.09
CA SER A 115 11.45 2.68 -14.47
C SER A 115 12.46 1.59 -14.11
N HIS A 116 11.97 0.37 -13.86
CA HIS A 116 12.86 -0.71 -13.51
C HIS A 116 12.85 -1.81 -14.57
N ASN A 117 12.30 -1.49 -15.73
CA ASN A 117 12.25 -2.42 -16.83
C ASN A 117 11.44 -3.67 -16.47
N VAL A 118 10.33 -3.47 -15.77
CA VAL A 118 9.47 -4.58 -15.37
C VAL A 118 8.14 -4.46 -16.08
N ASN A 119 7.70 -5.53 -16.71
CA ASN A 119 6.41 -5.47 -17.38
C ASN A 119 5.30 -6.01 -16.48
N VAL A 120 4.18 -5.33 -16.50
CA VAL A 120 3.05 -5.71 -15.67
C VAL A 120 1.93 -6.26 -16.53
N LEU A 121 1.45 -7.45 -16.16
CA LEU A 121 0.40 -8.12 -16.92
C LEU A 121 -0.85 -8.42 -16.07
N PHE A 122 -1.96 -8.68 -16.75
CA PHE A 122 -3.21 -9.01 -16.11
C PHE A 122 -3.89 -10.10 -16.93
N GLU A 123 -4.31 -11.15 -16.24
CA GLU A 123 -4.99 -12.28 -16.85
C GLU A 123 -6.17 -12.67 -15.94
N SER A 124 -7.30 -13.04 -16.57
CA SER A 124 -8.46 -13.47 -15.80
C SER A 124 -8.89 -14.81 -16.39
N ASN A 125 -9.02 -15.83 -15.54
CA ASN A 125 -9.42 -17.15 -15.99
C ASN A 125 -10.93 -17.27 -16.02
N VAL A 126 -11.60 -16.14 -15.83
CA VAL A 126 -13.05 -16.08 -15.81
C VAL A 126 -13.45 -14.84 -16.61
N PRO A 127 -14.55 -14.92 -17.36
CA PRO A 127 -15.00 -13.76 -18.15
C PRO A 127 -15.29 -12.53 -17.29
N CYS A 128 -14.84 -11.37 -17.74
CA CYS A 128 -15.09 -10.12 -17.02
C CYS A 128 -16.50 -9.65 -17.36
N PRO A 129 -17.12 -8.87 -16.48
CA PRO A 129 -16.58 -8.43 -15.18
C PRO A 129 -16.64 -9.53 -14.13
N VAL A 130 -15.74 -9.46 -13.16
CA VAL A 130 -15.72 -10.43 -12.07
C VAL A 130 -16.18 -9.63 -10.87
N GLU A 131 -17.48 -9.69 -10.59
CA GLU A 131 -18.09 -8.95 -9.50
C GLU A 131 -17.86 -9.54 -8.13
N ALA A 132 -17.46 -8.67 -7.20
CA ALA A 132 -17.23 -9.05 -5.82
C ALA A 132 -17.68 -7.93 -4.90
N TYR A 133 -18.21 -8.32 -3.74
CA TYR A 133 -18.67 -7.38 -2.75
C TYR A 133 -17.42 -7.03 -1.93
N ILE A 134 -16.75 -5.96 -2.30
CA ILE A 134 -15.51 -5.57 -1.62
C ILE A 134 -15.36 -4.06 -1.48
N ASP A 135 -14.34 -3.64 -0.72
CA ASP A 135 -14.05 -2.22 -0.53
C ASP A 135 -13.06 -1.87 -1.64
N PRO A 136 -13.51 -1.12 -2.65
CA PRO A 136 -12.68 -0.81 -3.82
C PRO A 136 -11.39 -0.05 -3.52
N THR A 137 -11.49 0.96 -2.69
CA THR A 137 -10.36 1.75 -2.28
C THR A 137 -9.31 0.93 -1.54
N ARG A 138 -9.78 0.12 -0.59
CA ARG A 138 -8.92 -0.77 0.14
C ARG A 138 -8.27 -1.88 -0.69
N ILE A 139 -9.04 -2.60 -1.48
CA ILE A 139 -8.44 -3.61 -2.33
C ILE A 139 -7.49 -3.06 -3.40
N ARG A 140 -7.71 -1.83 -3.82
CA ARG A 140 -6.75 -1.13 -4.68
C ARG A 140 -5.43 -0.86 -3.99
N GLN A 141 -5.51 -0.35 -2.78
CA GLN A 141 -4.40 -0.32 -1.84
C GLN A 141 -3.71 -1.67 -1.61
N VAL A 142 -4.46 -2.75 -1.36
CA VAL A 142 -3.91 -4.12 -1.30
C VAL A 142 -3.07 -4.38 -2.52
N LEU A 143 -3.72 -4.30 -3.66
CA LEU A 143 -3.13 -4.66 -4.91
C LEU A 143 -1.87 -3.87 -5.25
N LEU A 144 -1.90 -2.58 -4.93
CA LEU A 144 -0.78 -1.72 -5.27
C LEU A 144 0.49 -2.05 -4.49
N ASN A 145 0.33 -2.39 -3.21
CA ASN A 145 1.44 -2.88 -2.41
C ASN A 145 2.02 -4.13 -3.04
N LEU A 146 1.14 -5.04 -3.41
CA LEU A 146 1.55 -6.26 -4.06
C LEU A 146 2.29 -5.97 -5.34
N LEU A 147 1.72 -5.10 -6.15
CA LEU A 147 2.35 -4.78 -7.46
C LEU A 147 3.69 -4.09 -7.24
N ASN A 148 3.71 -3.08 -6.39
CA ASN A 148 4.95 -2.35 -6.08
C ASN A 148 6.04 -3.31 -5.61
N ASN A 149 5.68 -4.26 -4.75
CA ASN A 149 6.65 -5.23 -4.27
C ASN A 149 7.20 -6.08 -5.44
N GLY A 150 6.33 -6.46 -6.36
CA GLY A 150 6.76 -7.27 -7.48
C GLY A 150 7.83 -6.50 -8.30
N VAL A 151 7.70 -5.19 -8.39
CA VAL A 151 8.68 -4.38 -9.12
C VAL A 151 9.96 -4.23 -8.29
N LYS A 152 9.80 -3.80 -7.04
CA LYS A 152 10.92 -3.59 -6.12
C LYS A 152 11.83 -4.78 -5.92
N TYR A 153 11.25 -5.98 -5.84
CA TYR A 153 12.07 -7.16 -5.61
C TYR A 153 12.28 -8.05 -6.84
N SER A 154 12.26 -7.40 -7.99
CA SER A 154 12.48 -8.11 -9.26
C SER A 154 13.92 -8.60 -9.27
N LYS A 155 14.21 -9.60 -10.11
CA LYS A 155 15.53 -10.17 -10.21
C LYS A 155 16.34 -9.46 -11.29
N LYS A 156 17.39 -8.77 -10.87
CA LYS A 156 18.26 -8.03 -11.77
C LYS A 156 18.71 -8.84 -13.00
N ASP A 157 19.12 -10.07 -12.78
CA ASP A 157 19.61 -10.93 -13.84
C ASP A 157 18.55 -11.60 -14.73
N ALA A 158 17.31 -11.14 -14.66
CA ALA A 158 16.27 -11.70 -15.51
C ALA A 158 16.03 -10.74 -16.68
N PRO A 159 15.97 -11.26 -17.91
CA PRO A 159 15.75 -10.41 -19.08
C PRO A 159 14.28 -10.05 -19.24
N ASP A 160 13.42 -10.87 -18.64
CA ASP A 160 11.98 -10.69 -18.74
C ASP A 160 11.31 -10.44 -17.38
N LYS A 161 11.78 -9.43 -16.65
CA LYS A 161 11.21 -9.09 -15.34
C LYS A 161 9.75 -8.76 -15.50
N TYR A 162 8.89 -9.38 -14.68
CA TYR A 162 7.47 -9.08 -14.82
C TYR A 162 6.74 -9.32 -13.51
N VAL A 163 5.52 -8.79 -13.46
CA VAL A 163 4.64 -9.01 -12.33
C VAL A 163 3.29 -9.20 -12.99
N LYS A 164 2.65 -10.32 -12.72
CA LYS A 164 1.35 -10.60 -13.33
C LYS A 164 0.24 -10.85 -12.34
N VAL A 165 -0.90 -10.20 -12.54
CA VAL A 165 -2.06 -10.38 -11.69
C VAL A 165 -2.95 -11.40 -12.38
N ILE A 166 -3.27 -12.49 -11.68
CA ILE A 166 -4.13 -13.52 -12.24
C ILE A 166 -5.41 -13.51 -11.43
N LEU A 167 -6.55 -13.35 -12.11
CA LEU A 167 -7.86 -13.33 -11.46
C LEU A 167 -8.60 -14.68 -11.72
N ASP A 168 -9.29 -15.18 -10.70
CA ASP A 168 -9.96 -16.45 -10.83
C ASP A 168 -10.95 -16.65 -9.68
N GLU A 169 -11.77 -17.68 -9.78
CA GLU A 169 -12.74 -17.98 -8.72
C GLU A 169 -12.39 -19.35 -8.15
N LYS A 170 -12.57 -19.53 -6.85
CA LYS A 170 -12.24 -20.81 -6.23
C LYS A 170 -12.92 -20.97 -4.88
N ASP A 171 -13.30 -22.21 -4.58
CA ASP A 171 -13.93 -22.52 -3.30
C ASP A 171 -15.06 -21.56 -2.95
N GLY A 172 -15.80 -21.12 -3.96
CA GLY A 172 -16.92 -20.22 -3.73
C GLY A 172 -16.52 -18.76 -3.58
N GLY A 173 -15.22 -18.47 -3.71
CA GLY A 173 -14.78 -17.10 -3.59
C GLY A 173 -13.89 -16.70 -4.75
N VAL A 174 -13.16 -15.62 -4.59
CA VAL A 174 -12.26 -15.13 -5.65
C VAL A 174 -10.82 -15.32 -5.20
N LEU A 175 -9.99 -15.81 -6.12
CA LEU A 175 -8.59 -16.00 -5.84
C LEU A 175 -7.84 -15.03 -6.75
N ILE A 176 -7.02 -14.18 -6.14
CA ILE A 176 -6.20 -13.22 -6.88
C ILE A 176 -4.76 -13.65 -6.63
N ILE A 177 -3.96 -13.76 -7.68
CA ILE A 177 -2.58 -14.13 -7.48
C ILE A 177 -1.73 -13.00 -8.11
N VAL A 178 -0.70 -12.58 -7.39
CA VAL A 178 0.19 -11.55 -7.94
C VAL A 178 1.49 -12.31 -8.02
N GLU A 179 1.87 -12.66 -9.26
CA GLU A 179 3.07 -13.44 -9.50
C GLU A 179 4.23 -12.63 -10.08
N ASP A 180 5.43 -12.91 -9.61
CA ASP A 180 6.63 -12.24 -10.13
C ASP A 180 7.72 -13.28 -10.29
N ASN A 181 8.71 -12.97 -11.10
CA ASN A 181 9.84 -13.88 -11.30
C ASN A 181 11.01 -13.14 -10.69
N GLY A 182 10.76 -12.64 -9.47
CA GLY A 182 11.75 -11.88 -8.72
C GLY A 182 12.74 -12.70 -7.91
N ILE A 183 13.30 -12.07 -6.87
CA ILE A 183 14.33 -12.73 -6.07
C ILE A 183 13.84 -13.87 -5.17
N GLY A 184 12.53 -13.93 -4.94
CA GLY A 184 12.03 -15.02 -4.10
C GLY A 184 12.19 -14.70 -2.60
N ILE A 185 11.68 -15.60 -1.75
CA ILE A 185 11.70 -15.39 -0.30
C ILE A 185 12.10 -16.68 0.41
N PRO A 186 13.03 -16.59 1.37
CA PRO A 186 13.46 -17.80 2.10
C PRO A 186 12.37 -18.36 3.02
N ASP A 187 12.39 -19.68 3.22
CA ASP A 187 11.39 -20.37 4.05
C ASP A 187 11.12 -19.76 5.41
N HIS A 188 12.17 -19.38 6.13
CA HIS A 188 12.03 -18.81 7.45
C HIS A 188 11.26 -17.50 7.47
N ALA A 189 11.12 -16.86 6.31
CA ALA A 189 10.45 -15.57 6.26
C ALA A 189 9.06 -15.49 5.66
N LYS A 190 8.53 -16.61 5.17
CA LYS A 190 7.22 -16.59 4.50
C LYS A 190 6.00 -16.11 5.30
N ASP A 191 6.05 -16.16 6.63
CA ASP A 191 4.94 -15.63 7.44
C ASP A 191 5.39 -14.29 7.99
N ARG A 192 6.66 -14.20 8.35
CA ARG A 192 7.23 -13.00 8.93
C ARG A 192 7.19 -11.74 8.05
N ILE A 193 7.21 -11.90 6.72
CA ILE A 193 7.15 -10.71 5.86
C ILE A 193 5.87 -9.92 6.03
N PHE A 194 4.85 -10.55 6.59
CA PHE A 194 3.59 -9.84 6.80
C PHE A 194 3.54 -9.02 8.11
N GLU A 195 4.58 -9.16 8.92
CA GLU A 195 4.63 -8.40 10.17
C GLU A 195 5.08 -6.98 9.91
N GLN A 196 4.47 -6.03 10.61
CA GLN A 196 4.81 -4.63 10.46
C GLN A 196 6.33 -4.44 10.60
N PHE A 197 6.93 -3.73 9.65
CA PHE A 197 8.36 -3.44 9.65
C PHE A 197 9.34 -4.52 9.21
N TYR A 198 8.92 -5.78 9.18
CA TYR A 198 9.83 -6.85 8.79
C TYR A 198 10.36 -6.71 7.37
N ARG A 199 11.64 -7.02 7.19
CA ARG A 199 12.30 -6.96 5.88
C ARG A 199 13.30 -8.11 5.85
N VAL A 200 13.36 -8.85 4.75
CA VAL A 200 14.31 -9.95 4.66
C VAL A 200 15.72 -9.37 4.58
N ASP A 201 15.83 -8.22 3.91
CA ASP A 201 17.10 -7.53 3.76
C ASP A 201 18.03 -8.23 2.78
N THR A 211 4.79 7.33 6.30
N THR A 211 7.38 -2.12 7.35
CA THR A 211 5.18 6.42 5.24
CA THR A 211 7.95 -0.81 7.01
C THR A 211 4.08 5.39 5.00
C THR A 211 6.87 0.23 7.11
N GLY A 212 4.44 4.29 4.32
N GLY A 212 6.15 0.19 8.22
CA GLY A 212 3.48 3.24 4.05
CA GLY A 212 5.07 1.12 8.44
C GLY A 212 3.50 2.17 5.14
C GLY A 212 3.76 0.44 8.11
N LEU A 213 2.55 1.25 5.11
N LEU A 213 3.43 0.41 6.83
CA LEU A 213 2.47 0.18 6.11
CA LEU A 213 2.21 -0.21 6.36
C LEU A 213 2.74 -1.22 5.55
C LEU A 213 2.55 -1.44 5.51
N GLY A 214 2.87 -1.27 4.23
CA GLY A 214 3.20 -2.47 3.46
C GLY A 214 2.33 -3.73 3.62
N LEU A 215 2.96 -4.89 3.66
CA LEU A 215 2.23 -6.15 3.74
C LEU A 215 1.35 -6.29 4.97
N ALA A 216 1.68 -5.56 6.03
CA ALA A 216 0.90 -5.64 7.27
C ALA A 216 -0.50 -5.10 7.06
N ILE A 217 -0.64 -3.95 6.39
CA ILE A 217 -1.99 -3.45 6.16
C ILE A 217 -2.65 -4.24 5.03
N THR A 218 -1.83 -4.76 4.13
CA THR A 218 -2.35 -5.58 3.03
C THR A 218 -3.05 -6.80 3.63
N LYS A 219 -2.38 -7.44 4.60
CA LYS A 219 -2.96 -8.60 5.23
C LYS A 219 -4.23 -8.23 6.00
N GLU A 220 -4.19 -7.11 6.71
CA GLU A 220 -5.35 -6.70 7.50
C GLU A 220 -6.54 -6.44 6.58
N ILE A 221 -6.31 -5.80 5.44
CA ILE A 221 -7.41 -5.51 4.52
C ILE A 221 -8.05 -6.81 4.02
N VAL A 222 -7.23 -7.77 3.62
CA VAL A 222 -7.74 -9.06 3.16
C VAL A 222 -8.52 -9.78 4.29
N GLU A 223 -7.93 -9.81 5.47
CA GLU A 223 -8.61 -10.51 6.58
C GLU A 223 -9.91 -9.82 6.98
N LEU A 224 -9.97 -8.51 6.84
CA LEU A 224 -11.21 -7.80 7.18
C LEU A 224 -12.31 -8.19 6.21
N HIS A 225 -11.93 -8.61 5.00
CA HIS A 225 -12.95 -9.05 4.03
C HIS A 225 -13.33 -10.50 4.31
N GLY A 226 -12.68 -11.10 5.29
CA GLY A 226 -12.93 -12.49 5.62
C GLY A 226 -12.04 -13.44 4.81
N GLY A 227 -11.00 -12.88 4.21
CA GLY A 227 -10.11 -13.69 3.38
C GLY A 227 -8.81 -14.15 4.01
N ARG A 228 -7.94 -14.65 3.16
CA ARG A 228 -6.62 -15.14 3.58
C ARG A 228 -5.55 -14.72 2.58
N ILE A 229 -4.35 -14.44 3.07
CA ILE A 229 -3.25 -14.12 2.17
C ILE A 229 -2.03 -14.91 2.64
N TRP A 230 -1.26 -15.39 1.66
CA TRP A 230 -0.07 -16.17 1.97
C TRP A 230 0.81 -16.10 0.74
N VAL A 231 2.04 -16.59 0.87
CA VAL A 231 2.95 -16.56 -0.24
C VAL A 231 3.58 -17.93 -0.49
N GLU A 232 3.91 -18.18 -1.74
CA GLU A 232 4.58 -19.41 -2.16
C GLU A 232 5.72 -18.85 -2.97
N SER A 233 6.93 -19.21 -2.59
CA SER A 233 8.09 -18.64 -3.25
C SER A 233 9.32 -19.55 -3.23
N GLU A 234 10.20 -19.33 -4.20
CA GLU A 234 11.44 -20.09 -4.28
C GLU A 234 12.53 -19.05 -4.56
N VAL A 235 13.51 -18.99 -3.66
CA VAL A 235 14.61 -18.05 -3.80
C VAL A 235 15.26 -18.17 -5.17
N GLY A 236 15.49 -17.03 -5.81
CA GLY A 236 16.10 -17.03 -7.12
C GLY A 236 15.10 -17.23 -8.25
N LYS A 237 13.92 -17.77 -7.92
CA LYS A 237 12.89 -18.03 -8.91
C LYS A 237 11.74 -17.02 -8.94
N GLY A 238 11.25 -16.63 -7.77
CA GLY A 238 10.15 -15.68 -7.74
C GLY A 238 9.11 -16.04 -6.68
N SER A 239 8.05 -15.24 -6.61
CA SER A 239 7.01 -15.47 -5.62
C SER A 239 5.61 -15.29 -6.20
N ARG A 240 4.65 -15.98 -5.56
CA ARG A 240 3.25 -15.86 -5.95
C ARG A 240 2.53 -15.53 -4.64
N PHE A 241 1.97 -14.34 -4.55
CA PHE A 241 1.22 -13.95 -3.36
C PHE A 241 -0.23 -14.29 -3.65
N PHE A 242 -0.84 -15.08 -2.77
CA PHE A 242 -2.25 -15.46 -2.97
C PHE A 242 -3.21 -14.70 -2.08
N VAL A 243 -4.31 -14.26 -2.67
CA VAL A 243 -5.34 -13.55 -1.94
C VAL A 243 -6.68 -14.22 -2.27
N TRP A 244 -7.24 -14.88 -1.27
CA TRP A 244 -8.54 -15.53 -1.43
C TRP A 244 -9.51 -14.74 -0.59
N ILE A 245 -10.61 -14.28 -1.21
CA ILE A 245 -11.60 -13.56 -0.46
C ILE A 245 -12.99 -14.08 -0.80
N PRO A 246 -13.94 -13.96 0.13
CA PRO A 246 -15.31 -14.41 -0.14
C PRO A 246 -15.76 -13.52 -1.31
N LYS A 247 -16.55 -14.07 -2.21
CA LYS A 247 -17.00 -13.30 -3.38
C LYS A 247 -18.39 -12.75 -3.13
N ASP A 248 -19.22 -13.63 -2.60
CA ASP A 248 -20.63 -13.44 -2.30
C ASP A 248 -21.00 -12.76 -0.97
N ARG A 249 -21.82 -11.73 -1.06
CA ARG A 249 -22.30 -10.99 0.10
C ARG A 249 -23.08 -9.76 -0.33
N ALA A 250 -23.73 -9.14 0.55
PB ADP B . 9.16 -3.00 2.05
O1B ADP B . 10.02 -3.82 2.99
O2B ADP B . 8.46 -3.56 0.87
O3B ADP B . 8.61 -1.68 2.63
PA ADP B . 6.65 -4.69 2.67
O1A ADP B . 6.00 -4.34 1.36
O2A ADP B . 5.78 -4.76 3.87
O3A ADP B . 7.90 -3.57 2.94
O5' ADP B . 7.45 -6.01 2.46
C5' ADP B . 8.17 -6.57 3.57
C4' ADP B . 9.27 -7.50 3.14
O4' ADP B . 8.66 -8.65 2.45
C3' ADP B . 10.24 -6.95 2.10
O3' ADP B . 11.25 -6.20 2.77
C2' ADP B . 10.78 -8.26 1.42
O2' ADP B . 11.86 -8.85 2.25
C1' ADP B . 9.53 -9.17 1.42
N9 ADP B . 8.76 -9.16 0.07
C8 ADP B . 7.56 -8.65 -0.15
N7 ADP B . 7.15 -8.81 -1.38
C5 ADP B . 8.19 -9.47 -2.00
C6 ADP B . 8.40 -9.99 -3.35
N6 ADP B . 7.48 -9.86 -4.36
N1 ADP B . 9.57 -10.62 -3.60
C2 ADP B . 10.48 -10.77 -2.64
N3 ADP B . 10.38 -10.32 -1.37
C4 ADP B . 9.20 -9.70 -1.10
S SO4 C . 13.43 16.34 15.48
O1 SO4 C . 13.81 16.11 16.89
O2 SO4 C . 13.96 17.62 15.03
O3 SO4 C . 11.96 16.32 15.36
O4 SO4 C . 13.97 15.26 14.62
#